data_6H6Q
#
_entry.id   6H6Q
#
_cell.length_a   99.491
_cell.length_b   99.491
_cell.length_c   107.043
_cell.angle_alpha   90.00
_cell.angle_beta   90.00
_cell.angle_gamma   90.00
#
_symmetry.space_group_name_H-M   'P 41 21 2'
#
loop_
_entity.id
_entity.type
_entity.pdbx_description
1 polymer 'E3 ubiquitin-protein ligase XIAP'
2 non-polymer 'ZINC ION'
3 non-polymer 2-[(2~{R},5~{R})-2-[[(3~{R},5~{R})-3,5-dimethylmorpholin-4-yl]methyl]-5-methyl-piperazin-1-yl]-1-[6-[(~{S})-(4-fluorophenyl)-oxidanyl-methyl]-3,3-dimethyl-2~{H}-pyrrolo[3,2-b]pyridin-1-yl]ethanone
4 water water
#
_entity_poly.entity_id   1
_entity_poly.type   'polypeptide(L)'
_entity_poly.pdbx_seq_one_letter_code
;MGSSHHHHHHSSGLVPRGSHMNFPNSTNLPRNPSMADYEARIFTFGTWIYSVNKEQLARAGFYALGEGDKVKCFHCGGGL
TDWKPSEDPWEQHAKWYPGCKYLLEQKGQEYINNIHLTHSLEECLVR
;
_entity_poly.pdbx_strand_id   A,B
#
# COMPACT_ATOMS: atom_id res chain seq x y z
N ASN A 22 -11.52 2.07 4.05
CA ASN A 22 -10.97 1.17 3.02
C ASN A 22 -9.46 1.32 2.95
N PHE A 23 -8.94 2.59 3.01
CA PHE A 23 -7.50 2.88 2.97
C PHE A 23 -6.77 2.29 4.18
N PRO A 24 -5.50 1.90 4.06
CA PRO A 24 -4.84 1.27 5.19
C PRO A 24 -4.11 2.26 6.13
N ASN A 25 -4.12 1.93 7.42
CA ASN A 25 -3.43 2.69 8.44
C ASN A 25 -1.90 2.59 8.23
N SER A 26 -1.26 3.76 8.01
CA SER A 26 0.19 3.88 7.99
C SER A 26 0.70 4.73 9.16
N THR A 27 -0.14 4.98 10.18
CA THR A 27 0.30 5.63 11.42
C THR A 27 0.99 4.60 12.28
N ASN A 28 1.59 5.05 13.39
CA ASN A 28 2.36 4.19 14.26
C ASN A 28 1.49 3.62 15.36
N LEU A 29 0.20 3.99 15.39
CA LEU A 29 -0.79 3.47 16.32
C LEU A 29 -1.63 2.41 15.65
N PRO A 30 -1.95 1.28 16.30
CA PRO A 30 -2.70 0.23 15.61
C PRO A 30 -4.15 0.53 15.45
N ARG A 31 -4.79 -0.05 14.44
CA ARG A 31 -6.20 0.21 14.16
C ARG A 31 -7.10 -0.64 15.06
N ASN A 32 -6.67 -1.83 15.39
CA ASN A 32 -7.44 -2.68 16.28
C ASN A 32 -6.54 -3.01 17.47
N PRO A 33 -6.42 -2.11 18.43
CA PRO A 33 -5.61 -2.42 19.62
C PRO A 33 -6.08 -3.59 20.50
N SER A 34 -7.34 -4.08 20.31
CA SER A 34 -7.82 -5.29 20.99
C SER A 34 -7.04 -6.51 20.52
N MET A 35 -6.61 -6.49 19.24
CA MET A 35 -5.82 -7.56 18.63
C MET A 35 -4.28 -7.29 18.66
N ALA A 36 -3.79 -6.48 19.57
CA ALA A 36 -2.36 -6.17 19.59
C ALA A 36 -1.51 -7.23 20.26
N ASP A 37 -2.10 -8.08 21.11
CA ASP A 37 -1.38 -9.15 21.81
C ASP A 37 -1.45 -10.41 20.98
N TYR A 38 -0.32 -11.11 20.84
CA TYR A 38 -0.27 -12.39 20.12
C TYR A 38 -1.37 -13.34 20.57
N GLU A 39 -1.59 -13.50 21.88
CA GLU A 39 -2.66 -14.40 22.35
C GLU A 39 -4.06 -14.01 21.89
N ALA A 40 -4.38 -12.71 21.84
CA ALA A 40 -5.69 -12.27 21.40
C ALA A 40 -5.94 -12.68 19.96
N ARG A 41 -4.91 -12.50 19.15
CA ARG A 41 -4.92 -12.87 17.74
C ARG A 41 -5.01 -14.38 17.54
N ILE A 42 -4.30 -15.18 18.36
CA ILE A 42 -4.30 -16.63 18.21
C ILE A 42 -5.70 -17.19 18.46
N PHE A 43 -6.37 -16.74 19.50
CA PHE A 43 -7.72 -17.15 19.83
C PHE A 43 -8.72 -17.02 18.68
N THR A 44 -8.56 -16.05 17.77
CA THR A 44 -9.54 -15.79 16.70
C THR A 44 -9.62 -16.91 15.63
N PHE A 45 -8.57 -17.71 15.51
CA PHE A 45 -8.47 -18.75 14.47
C PHE A 45 -9.29 -19.95 14.88
N GLY A 46 -9.02 -20.46 16.05
CA GLY A 46 -9.67 -21.66 16.50
C GLY A 46 -9.06 -22.81 15.75
N THR A 47 -9.85 -23.84 15.48
CA THR A 47 -9.35 -24.94 14.68
C THR A 47 -9.30 -24.40 13.24
N TRP A 48 -8.09 -24.51 12.65
CA TRP A 48 -7.69 -23.81 11.45
C TRP A 48 -7.18 -24.83 10.50
N ILE A 49 -7.87 -24.95 9.36
CA ILE A 49 -7.74 -26.07 8.40
C ILE A 49 -7.02 -25.66 7.14
N TYR A 50 -6.71 -24.36 7.00
CA TYR A 50 -6.21 -23.82 5.74
C TYR A 50 -4.70 -24.10 5.64
N SER A 51 -4.11 -23.85 4.46
CA SER A 51 -2.78 -24.40 4.13
C SER A 51 -1.67 -23.77 4.95
N VAL A 52 -1.91 -22.57 5.46
CA VAL A 52 -0.90 -21.72 6.05
C VAL A 52 -1.09 -21.59 7.57
N ASN A 53 0.03 -21.55 8.28
CA ASN A 53 0.11 -21.83 9.71
C ASN A 53 -0.42 -20.61 10.51
N LYS A 54 -1.24 -20.88 11.56
CA LYS A 54 -1.94 -19.83 12.31
C LYS A 54 -1.05 -19.06 13.31
N GLU A 55 -0.02 -19.75 13.87
CA GLU A 55 1.00 -19.13 14.71
C GLU A 55 1.84 -18.17 13.86
N GLN A 56 2.16 -18.58 12.63
CA GLN A 56 2.94 -17.81 11.64
C GLN A 56 2.18 -16.55 11.30
N LEU A 57 0.87 -16.68 11.06
CA LEU A 57 -0.06 -15.57 10.77
C LEU A 57 -0.23 -14.61 11.95
N ALA A 58 -0.43 -15.14 13.16
CA ALA A 58 -0.51 -14.33 14.37
C ALA A 58 0.79 -13.57 14.60
N ARG A 59 1.97 -14.22 14.45
CA ARG A 59 3.27 -13.54 14.62
C ARG A 59 3.44 -12.37 13.64
N ALA A 60 2.90 -12.51 12.43
CA ALA A 60 2.91 -11.49 11.40
C ALA A 60 1.84 -10.44 11.54
N GLY A 61 1.13 -10.42 12.66
CA GLY A 61 0.11 -9.41 12.94
C GLY A 61 -1.32 -9.81 12.67
N PHE A 62 -1.52 -10.92 11.99
CA PHE A 62 -2.84 -11.23 11.47
C PHE A 62 -3.73 -11.97 12.48
N TYR A 63 -5.00 -11.58 12.52
CA TYR A 63 -6.03 -12.32 13.23
C TYR A 63 -7.08 -12.73 12.23
N ALA A 64 -7.92 -13.66 12.60
CA ALA A 64 -8.83 -14.25 11.63
C ALA A 64 -10.23 -13.68 11.75
N LEU A 65 -10.87 -13.49 10.60
CA LEU A 65 -12.22 -12.98 10.54
C LEU A 65 -13.24 -14.10 10.82
N GLY A 66 -12.98 -15.32 10.37
CA GLY A 66 -13.93 -16.40 10.49
C GLY A 66 -14.75 -16.63 9.24
N GLU A 67 -14.34 -16.02 8.12
CA GLU A 67 -14.99 -16.15 6.82
C GLU A 67 -13.95 -16.76 5.87
N GLY A 68 -13.86 -18.08 5.88
CA GLY A 68 -12.86 -18.76 5.08
C GLY A 68 -11.50 -18.58 5.70
N ASP A 69 -10.48 -18.31 4.88
CA ASP A 69 -9.12 -18.03 5.37
C ASP A 69 -8.83 -16.52 5.38
N LYS A 70 -9.85 -15.72 5.66
CA LYS A 70 -9.71 -14.27 5.64
C LYS A 70 -9.07 -13.83 6.93
N VAL A 71 -7.98 -13.04 6.81
CA VAL A 71 -7.25 -12.45 7.95
C VAL A 71 -7.10 -10.96 7.79
N LYS A 72 -6.81 -10.25 8.91
CA LYS A 72 -6.66 -8.78 8.96
C LYS A 72 -5.48 -8.46 9.88
N CYS A 73 -4.59 -7.49 9.50
CA CYS A 73 -3.49 -7.01 10.36
C CYS A 73 -4.10 -6.14 11.39
N PHE A 74 -3.77 -6.36 12.69
CA PHE A 74 -4.25 -5.56 13.83
C PHE A 74 -3.78 -4.12 13.78
N HIS A 75 -2.70 -3.84 13.01
CA HIS A 75 -2.13 -2.52 12.96
C HIS A 75 -2.57 -1.72 11.73
N CYS A 76 -2.33 -2.24 10.52
CA CYS A 76 -2.68 -1.55 9.29
C CYS A 76 -4.12 -1.74 8.92
N GLY A 77 -4.75 -2.78 9.42
CA GLY A 77 -6.09 -3.17 9.03
C GLY A 77 -6.14 -3.92 7.73
N GLY A 78 -4.99 -4.23 7.18
CA GLY A 78 -4.89 -4.79 5.84
C GLY A 78 -5.32 -6.23 5.83
N GLY A 79 -6.19 -6.57 4.89
CA GLY A 79 -6.79 -7.89 4.79
C GLY A 79 -6.32 -8.71 3.62
N LEU A 80 -6.21 -10.02 3.83
CA LEU A 80 -5.78 -10.95 2.80
C LEU A 80 -6.64 -12.17 2.82
N THR A 81 -6.62 -12.92 1.71
CA THR A 81 -7.33 -14.20 1.62
C THR A 81 -6.75 -15.17 0.60
N ASP A 82 -7.35 -16.37 0.55
CA ASP A 82 -7.02 -17.39 -0.45
C ASP A 82 -5.52 -17.71 -0.39
N TRP A 83 -5.09 -18.20 0.77
CA TRP A 83 -3.69 -18.49 1.03
C TRP A 83 -3.25 -19.77 0.32
N LYS A 84 -2.28 -19.65 -0.62
CA LYS A 84 -1.64 -20.80 -1.28
C LYS A 84 -0.56 -21.32 -0.33
N PRO A 85 -0.10 -22.58 -0.46
CA PRO A 85 0.92 -23.08 0.47
C PRO A 85 2.25 -22.35 0.29
N SER A 86 2.53 -21.90 -0.96
CA SER A 86 3.69 -21.10 -1.38
C SER A 86 3.75 -19.65 -0.81
N GLU A 87 2.64 -19.16 -0.22
CA GLU A 87 2.49 -17.77 0.19
C GLU A 87 2.79 -17.66 1.68
N ASP A 88 3.70 -16.72 2.05
CA ASP A 88 4.18 -16.55 3.44
C ASP A 88 3.51 -15.33 4.05
N PRO A 89 2.99 -15.45 5.30
CA PRO A 89 2.35 -14.28 5.95
C PRO A 89 3.12 -12.96 5.91
N TRP A 90 4.34 -12.97 6.34
CA TRP A 90 5.16 -11.76 6.38
C TRP A 90 5.43 -11.24 4.97
N GLU A 91 5.74 -12.13 4.03
CA GLU A 91 5.87 -11.76 2.61
C GLU A 91 4.62 -11.09 2.02
N GLN A 92 3.44 -11.67 2.27
CA GLN A 92 2.20 -11.09 1.79
C GLN A 92 1.85 -9.77 2.51
N HIS A 93 2.18 -9.65 3.79
CA HIS A 93 2.07 -8.42 4.55
C HIS A 93 2.80 -7.28 3.86
N ALA A 94 4.04 -7.54 3.45
CA ALA A 94 4.86 -6.57 2.73
C ALA A 94 4.32 -6.28 1.36
N LYS A 95 3.91 -7.30 0.59
CA LYS A 95 3.43 -7.10 -0.79
C LYS A 95 2.28 -6.08 -0.82
N TRP A 96 1.24 -6.34 -0.02
CA TRP A 96 -0.02 -5.62 -0.10
C TRP A 96 -0.16 -4.45 0.85
N TYR A 97 0.58 -4.47 1.99
CA TYR A 97 0.54 -3.43 3.01
C TYR A 97 1.93 -2.99 3.39
N PRO A 98 2.65 -2.42 2.40
CA PRO A 98 4.02 -1.96 2.63
C PRO A 98 4.17 -0.76 3.54
N GLY A 99 3.09 0.01 3.72
CA GLY A 99 3.08 1.11 4.66
C GLY A 99 2.89 0.73 6.11
N CYS A 100 2.69 -0.59 6.44
CA CYS A 100 2.40 -0.97 7.80
C CYS A 100 3.55 -0.70 8.68
N LYS A 101 3.27 -0.12 9.84
CA LYS A 101 4.27 0.19 10.84
C LYS A 101 4.56 -0.97 11.76
N TYR A 102 3.65 -1.94 11.97
CA TYR A 102 3.97 -3.21 12.67
C TYR A 102 4.98 -3.99 11.85
N LEU A 103 4.72 -4.12 10.54
CA LEU A 103 5.66 -4.69 9.56
C LEU A 103 7.04 -4.07 9.64
N LEU A 104 7.11 -2.76 9.71
CA LEU A 104 8.38 -2.05 9.73
C LEU A 104 9.07 -2.24 11.07
N GLU A 105 8.33 -2.18 12.15
CA GLU A 105 8.86 -2.42 13.50
C GLU A 105 9.49 -3.83 13.65
N GLN A 106 8.90 -4.82 12.99
CA GLN A 106 9.21 -6.23 13.26
C GLN A 106 10.21 -6.83 12.30
N LYS A 107 10.16 -6.45 11.01
CA LYS A 107 11.09 -6.91 9.97
C LYS A 107 12.08 -5.88 9.46
N GLY A 108 11.70 -4.61 9.44
CA GLY A 108 12.65 -3.52 9.17
C GLY A 108 13.01 -3.35 7.71
N GLN A 109 12.97 -2.10 7.22
CA GLN A 109 12.98 -1.76 5.78
C GLN A 109 14.10 -2.53 4.98
N GLU A 110 15.24 -2.93 5.65
CA GLU A 110 16.19 -3.85 5.01
C GLU A 110 15.46 -5.09 4.40
N TYR A 111 14.73 -5.83 5.26
CA TYR A 111 13.96 -6.99 4.82
C TYR A 111 12.95 -6.54 3.79
N ILE A 112 12.11 -5.56 4.12
CA ILE A 112 10.91 -5.21 3.33
C ILE A 112 11.28 -4.96 1.84
N ASN A 113 12.48 -4.36 1.57
CA ASN A 113 12.93 -4.02 0.22
C ASN A 113 13.29 -5.22 -0.61
N ASN A 114 13.96 -6.25 0.03
CA ASN A 114 14.13 -7.61 -0.50
C ASN A 114 12.84 -8.12 -1.10
N ILE A 115 11.72 -8.15 -0.32
CA ILE A 115 10.45 -8.68 -0.84
C ILE A 115 10.05 -7.95 -2.07
N HIS A 116 10.20 -6.66 -2.09
CA HIS A 116 9.57 -5.96 -3.18
C HIS A 116 10.38 -6.10 -4.44
N LEU A 117 11.70 -6.03 -4.34
CA LEU A 117 12.53 -6.34 -5.48
C LEU A 117 12.30 -7.76 -5.92
N THR A 118 12.25 -8.67 -4.95
CA THR A 118 11.96 -10.06 -5.22
C THR A 118 10.68 -10.12 -6.02
N HIS A 119 9.62 -9.49 -5.51
CA HIS A 119 8.29 -9.70 -6.08
C HIS A 119 8.12 -9.05 -7.43
N SER A 120 8.64 -7.83 -7.62
CA SER A 120 8.77 -7.27 -8.95
C SER A 120 9.63 -8.15 -9.89
N LEU A 121 10.87 -8.52 -9.49
CA LEU A 121 11.72 -9.38 -10.34
C LEU A 121 11.08 -10.73 -10.66
N GLU A 122 10.21 -11.23 -9.74
CA GLU A 122 9.44 -12.48 -9.91
C GLU A 122 8.64 -12.45 -11.25
N GLU A 123 8.05 -11.25 -11.55
CA GLU A 123 7.10 -11.02 -12.65
C GLU A 123 7.83 -10.86 -14.02
N CYS A 124 8.96 -10.13 -14.05
CA CYS A 124 9.83 -9.92 -15.23
C CYS A 124 10.34 -11.25 -15.82
N LEU A 125 10.75 -12.23 -14.97
CA LEU A 125 11.26 -13.55 -15.45
C LEU A 125 10.24 -14.36 -16.27
N VAL A 126 9.08 -14.61 -15.64
CA VAL A 126 8.03 -15.50 -16.14
C VAL A 126 7.30 -14.96 -17.39
N ARG A 127 7.25 -13.61 -17.58
CA ARG A 127 6.64 -12.95 -18.74
C ARG A 127 7.57 -12.98 -19.98
N MET B 21 0.04 -7.08 -12.43
CA MET B 21 0.61 -6.59 -11.17
C MET B 21 -0.37 -5.63 -10.45
N ASN B 22 -1.28 -6.21 -9.66
CA ASN B 22 -2.27 -5.46 -8.85
C ASN B 22 -1.58 -4.77 -7.67
N PHE B 23 -0.62 -5.48 -7.01
CA PHE B 23 0.13 -4.96 -5.86
C PHE B 23 1.01 -3.76 -6.25
N PRO B 24 1.24 -2.81 -5.35
CA PRO B 24 2.00 -1.63 -5.75
C PRO B 24 3.52 -1.76 -5.52
N ASN B 25 4.28 -1.14 -6.43
CA ASN B 25 5.73 -1.08 -6.35
C ASN B 25 6.16 -0.25 -5.13
N SER B 26 6.91 -0.90 -4.21
CA SER B 26 7.56 -0.22 -3.10
C SER B 26 9.07 -0.28 -3.22
N THR B 27 9.61 -0.66 -4.40
CA THR B 27 11.05 -0.60 -4.69
C THR B 27 11.40 0.84 -4.99
N ASN B 28 12.70 1.13 -5.12
CA ASN B 28 13.20 2.47 -5.34
C ASN B 28 13.32 2.78 -6.81
N LEU B 29 13.02 1.78 -7.67
CA LEU B 29 12.99 1.93 -9.13
C LEU B 29 11.58 2.14 -9.61
N PRO B 30 11.30 3.05 -10.57
CA PRO B 30 9.92 3.30 -10.97
C PRO B 30 9.36 2.23 -11.85
N ARG B 31 8.04 2.06 -11.84
CA ARG B 31 7.36 1.03 -12.63
C ARG B 31 7.21 1.47 -14.09
N ASN B 32 6.97 2.75 -14.31
CA ASN B 32 6.85 3.27 -15.66
C ASN B 32 7.92 4.35 -15.82
N PRO B 33 9.16 3.97 -16.08
CA PRO B 33 10.20 5.00 -16.31
C PRO B 33 10.02 5.92 -17.53
N SER B 34 9.09 5.59 -18.46
CA SER B 34 8.73 6.49 -19.57
C SER B 34 8.05 7.75 -19.04
N MET B 35 7.31 7.60 -17.94
CA MET B 35 6.61 8.70 -17.26
C MET B 35 7.42 9.31 -16.07
N ALA B 36 8.73 9.20 -16.06
CA ALA B 36 9.51 9.71 -14.94
C ALA B 36 9.79 11.20 -15.01
N ASP B 37 9.71 11.81 -16.21
CA ASP B 37 9.92 13.25 -16.40
C ASP B 37 8.60 13.98 -16.26
N TYR B 38 8.60 15.10 -15.54
CA TYR B 38 7.39 15.92 -15.40
C TYR B 38 6.74 16.22 -16.75
N GLU B 39 7.54 16.65 -17.75
CA GLU B 39 7.01 17.04 -19.05
C GLU B 39 6.33 15.88 -19.77
N ALA B 40 6.76 14.63 -19.50
CA ALA B 40 6.07 13.45 -20.02
C ALA B 40 4.69 13.32 -19.40
N ARG B 41 4.61 13.26 -18.06
CA ARG B 41 3.34 13.09 -17.33
C ARG B 41 2.31 14.18 -17.73
N ILE B 42 2.73 15.43 -17.92
CA ILE B 42 1.79 16.53 -18.14
C ILE B 42 1.13 16.46 -19.53
N PHE B 43 1.93 16.03 -20.50
CA PHE B 43 1.54 15.83 -21.89
C PHE B 43 0.41 14.79 -21.99
N THR B 44 0.34 13.83 -21.09
CA THR B 44 -0.75 12.85 -21.09
C THR B 44 -2.13 13.46 -20.75
N PHE B 45 -2.17 14.58 -20.02
CA PHE B 45 -3.46 15.14 -19.55
C PHE B 45 -4.22 15.77 -20.77
N GLY B 46 -3.51 16.64 -21.50
CA GLY B 46 -4.09 17.38 -22.59
C GLY B 46 -5.03 18.39 -22.01
N THR B 47 -6.11 18.69 -22.70
CA THR B 47 -7.12 19.57 -22.15
C THR B 47 -7.85 18.75 -21.08
N TRP B 48 -7.86 19.30 -19.87
CA TRP B 48 -8.20 18.59 -18.64
C TRP B 48 -9.21 19.48 -17.93
N ILE B 49 -10.44 19.04 -17.75
CA ILE B 49 -11.39 19.91 -17.04
C ILE B 49 -12.15 19.04 -16.06
N TYR B 50 -11.35 18.24 -15.34
CA TYR B 50 -11.77 17.73 -14.04
C TYR B 50 -11.39 18.75 -12.95
N SER B 51 -11.87 18.51 -11.71
CA SER B 51 -11.86 19.56 -10.69
C SER B 51 -10.46 19.90 -10.18
N VAL B 52 -9.53 18.96 -10.35
CA VAL B 52 -8.22 18.99 -9.72
C VAL B 52 -7.12 19.23 -10.76
N ASN B 53 -6.11 19.99 -10.36
CA ASN B 53 -5.18 20.67 -11.24
C ASN B 53 -4.14 19.66 -11.80
N LYS B 54 -3.87 19.74 -13.12
CA LYS B 54 -3.04 18.76 -13.84
C LYS B 54 -1.52 18.91 -13.56
N GLU B 55 -1.06 20.16 -13.34
CA GLU B 55 0.32 20.45 -12.93
C GLU B 55 0.57 19.89 -11.54
N GLN B 56 -0.42 20.04 -10.66
CA GLN B 56 -0.41 19.54 -9.26
C GLN B 56 -0.29 18.04 -9.27
N LEU B 57 -1.08 17.38 -10.13
CA LEU B 57 -1.08 15.91 -10.33
C LEU B 57 0.23 15.40 -10.93
N ALA B 58 0.73 16.06 -11.96
CA ALA B 58 2.02 15.71 -12.55
C ALA B 58 3.16 15.87 -11.52
N ARG B 59 3.19 16.97 -10.74
CA ARG B 59 4.21 17.16 -9.71
C ARG B 59 4.21 16.06 -8.67
N ALA B 60 3.01 15.54 -8.35
CA ALA B 60 2.82 14.44 -7.42
C ALA B 60 3.06 13.06 -8.01
N GLY B 61 3.66 13.03 -9.21
CA GLY B 61 4.03 11.81 -9.92
C GLY B 61 2.95 11.14 -10.72
N PHE B 62 1.74 11.77 -10.88
CA PHE B 62 0.64 11.17 -11.64
C PHE B 62 0.62 11.56 -13.10
N TYR B 63 0.31 10.59 -13.97
CA TYR B 63 0.01 10.83 -15.37
C TYR B 63 -1.38 10.31 -15.64
N ALA B 64 -1.94 10.70 -16.78
CA ALA B 64 -3.32 10.44 -17.17
C ALA B 64 -3.45 9.13 -17.91
N LEU B 65 -4.53 8.39 -17.63
CA LEU B 65 -4.88 7.24 -18.45
C LEU B 65 -5.68 7.66 -19.69
N GLY B 66 -6.58 8.63 -19.56
CA GLY B 66 -7.47 9.02 -20.64
C GLY B 66 -8.84 8.40 -20.53
N GLU B 67 -9.16 7.83 -19.35
CA GLU B 67 -10.47 7.22 -19.08
C GLU B 67 -11.06 8.01 -17.90
N GLY B 68 -11.73 9.09 -18.20
CA GLY B 68 -12.26 9.96 -17.16
C GLY B 68 -11.14 10.72 -16.49
N ASP B 69 -11.18 10.81 -15.15
CA ASP B 69 -10.11 11.46 -14.37
C ASP B 69 -9.18 10.42 -13.76
N LYS B 70 -8.94 9.31 -14.47
CA LYS B 70 -8.12 8.23 -13.95
C LYS B 70 -6.67 8.59 -14.15
N VAL B 71 -5.88 8.52 -13.05
CA VAL B 71 -4.43 8.76 -13.06
C VAL B 71 -3.69 7.61 -12.43
N LYS B 72 -2.36 7.51 -12.71
CA LYS B 72 -1.46 6.46 -12.23
C LYS B 72 -0.12 7.08 -11.84
N CYS B 73 0.50 6.68 -10.69
CA CYS B 73 1.83 7.14 -10.27
C CYS B 73 2.81 6.41 -11.14
N PHE B 74 3.77 7.14 -11.73
CA PHE B 74 4.84 6.57 -12.57
C PHE B 74 5.77 5.66 -11.81
N HIS B 75 5.81 5.80 -10.47
CA HIS B 75 6.73 5.04 -9.65
C HIS B 75 6.08 3.81 -8.99
N CYS B 76 5.01 4.02 -8.21
CA CYS B 76 4.34 2.93 -7.51
C CYS B 76 3.38 2.20 -8.37
N GLY B 77 2.92 2.84 -9.45
CA GLY B 77 1.87 2.32 -10.31
C GLY B 77 0.49 2.50 -9.74
N GLY B 78 0.39 3.21 -8.64
CA GLY B 78 -0.84 3.32 -7.90
C GLY B 78 -1.81 4.24 -8.61
N GLY B 79 -3.05 3.78 -8.77
CA GLY B 79 -4.07 4.48 -9.51
C GLY B 79 -5.19 5.05 -8.67
N LEU B 80 -5.70 6.21 -9.08
CA LEU B 80 -6.78 6.88 -8.37
C LEU B 80 -7.79 7.40 -9.36
N THR B 81 -9.00 7.70 -8.86
CA THR B 81 -10.04 8.30 -9.69
C THR B 81 -11.08 9.10 -8.90
N ASP B 82 -12.02 9.72 -9.63
CA ASP B 82 -13.17 10.42 -9.07
C ASP B 82 -12.68 11.48 -8.09
N TRP B 83 -11.92 12.44 -8.62
CA TRP B 83 -11.31 13.51 -7.82
C TRP B 83 -12.35 14.54 -7.42
N LYS B 84 -12.56 14.69 -6.09
CA LYS B 84 -13.40 15.74 -5.54
C LYS B 84 -12.55 17.01 -5.47
N PRO B 85 -13.15 18.22 -5.37
CA PRO B 85 -12.32 19.44 -5.32
C PRO B 85 -11.52 19.52 -4.03
N SER B 86 -12.07 18.95 -2.93
CA SER B 86 -11.45 18.80 -1.61
C SER B 86 -10.23 17.87 -1.54
N GLU B 87 -9.99 17.05 -2.58
CA GLU B 87 -8.98 15.99 -2.55
C GLU B 87 -7.71 16.48 -3.22
N ASP B 88 -6.55 16.35 -2.53
CA ASP B 88 -5.25 16.86 -2.97
C ASP B 88 -4.41 15.70 -3.52
N PRO B 89 -3.77 15.86 -4.70
CA PRO B 89 -2.92 14.79 -5.24
C PRO B 89 -1.92 14.14 -4.30
N TRP B 90 -1.10 14.91 -3.65
CA TRP B 90 -0.07 14.41 -2.76
C TRP B 90 -0.72 13.74 -1.56
N GLU B 91 -1.78 14.35 -0.99
CA GLU B 91 -2.56 13.72 0.10
C GLU B 91 -3.14 12.36 -0.29
N GLN B 92 -3.75 12.25 -1.46
CA GLN B 92 -4.30 10.97 -1.93
C GLN B 92 -3.20 9.96 -2.27
N HIS B 93 -2.06 10.41 -2.78
CA HIS B 93 -0.88 9.59 -2.98
C HIS B 93 -0.45 8.89 -1.71
N ALA B 94 -0.39 9.63 -0.62
CA ALA B 94 -0.05 9.11 0.69
C ALA B 94 -1.13 8.19 1.22
N LYS B 95 -2.42 8.57 1.11
CA LYS B 95 -3.52 7.75 1.67
C LYS B 95 -3.44 6.32 1.13
N TRP B 96 -3.45 6.19 -0.20
CA TRP B 96 -3.64 4.93 -0.89
C TRP B 96 -2.35 4.20 -1.25
N TYR B 97 -1.22 4.93 -1.42
CA TYR B 97 0.08 4.37 -1.78
C TYR B 97 1.17 4.88 -0.88
N PRO B 98 1.04 4.55 0.42
CA PRO B 98 2.03 4.97 1.41
C PRO B 98 3.42 4.36 1.29
N GLY B 99 3.52 3.22 0.61
CA GLY B 99 4.81 2.59 0.33
C GLY B 99 5.58 3.19 -0.82
N CYS B 100 5.02 4.22 -1.54
CA CYS B 100 5.69 4.77 -2.72
C CYS B 100 6.97 5.42 -2.33
N LYS B 101 7.99 5.13 -3.10
CA LYS B 101 9.31 5.69 -2.89
C LYS B 101 9.50 7.05 -3.57
N TYR B 102 8.74 7.39 -4.64
CA TYR B 102 8.69 8.77 -5.18
C TYR B 102 8.10 9.70 -4.15
N LEU B 103 6.94 9.29 -3.55
CA LEU B 103 6.30 9.97 -2.42
C LEU B 103 7.28 10.24 -1.29
N LEU B 104 8.07 9.26 -0.91
CA LEU B 104 9.00 9.38 0.20
C LEU B 104 10.15 10.27 -0.16
N GLU B 105 10.68 10.13 -1.36
CA GLU B 105 11.75 10.99 -1.88
C GLU B 105 11.37 12.50 -1.91
N GLN B 106 10.10 12.80 -2.19
CA GLN B 106 9.67 14.15 -2.53
C GLN B 106 9.09 14.91 -1.36
N LYS B 107 8.38 14.24 -0.44
CA LYS B 107 7.81 14.87 0.77
C LYS B 107 8.53 14.46 2.06
N GLY B 108 9.17 13.31 2.07
CA GLY B 108 9.76 12.81 3.30
C GLY B 108 8.73 12.13 4.18
N GLN B 109 9.21 11.30 5.14
CA GLN B 109 8.32 10.62 6.11
C GLN B 109 7.76 11.66 7.16
N GLU B 110 8.47 12.77 7.44
CA GLU B 110 7.88 13.79 8.29
C GLU B 110 6.47 14.17 7.80
N TYR B 111 6.36 14.63 6.55
CA TYR B 111 5.07 14.98 5.93
C TYR B 111 4.15 13.78 5.94
N ILE B 112 4.59 12.70 5.30
CA ILE B 112 3.79 11.47 5.07
C ILE B 112 3.02 11.03 6.33
N ASN B 113 3.65 11.11 7.53
CA ASN B 113 3.04 10.65 8.78
C ASN B 113 1.94 11.54 9.25
N ASN B 114 2.15 12.87 9.24
CA ASN B 114 1.08 13.78 9.61
C ASN B 114 -0.13 13.59 8.70
N ILE B 115 0.09 13.46 7.43
CA ILE B 115 -1.04 13.27 6.51
C ILE B 115 -1.82 11.95 6.81
N HIS B 116 -1.12 10.89 7.24
CA HIS B 116 -1.79 9.68 7.72
C HIS B 116 -2.54 9.90 8.98
N LEU B 117 -1.90 10.47 9.99
CA LEU B 117 -2.59 10.78 11.22
C LEU B 117 -3.81 11.65 10.91
N THR B 118 -3.73 12.56 9.97
CA THR B 118 -4.87 13.39 9.64
C THR B 118 -5.99 12.55 9.03
N HIS B 119 -5.67 11.57 8.19
CA HIS B 119 -6.70 10.70 7.63
C HIS B 119 -7.23 9.76 8.69
N SER B 120 -6.32 9.09 9.42
CA SER B 120 -6.69 8.12 10.44
C SER B 120 -7.44 8.73 11.57
N LEU B 121 -7.22 10.03 11.88
CA LEU B 121 -8.04 10.77 12.85
C LEU B 121 -9.41 11.05 12.32
N GLU B 122 -9.56 11.22 11.02
CA GLU B 122 -10.90 11.32 10.46
C GLU B 122 -11.61 9.94 10.59
N GLU B 123 -11.07 8.89 9.93
CA GLU B 123 -11.47 7.49 10.17
C GLU B 123 -11.11 7.05 11.63
#